data_7JWU
#
_entry.id   7JWU
#
_cell.length_a   109.032
_cell.length_b   109.032
_cell.length_c   82.888
_cell.angle_alpha   90.000
_cell.angle_beta   90.000
_cell.angle_gamma   90.000
#
_symmetry.space_group_name_H-M   'P 4 2 2'
#
loop_
_entity.id
_entity.type
_entity.pdbx_description
1 polymer 'Retinal dehydrogenase 1'
2 non-polymer 'YTTERBIUM (III) ION'
3 non-polymer 'CHLORIDE ION'
4 non-polymer NICOTINAMIDE-ADENINE-DINUCLEOTIDE
5 non-polymer 1-methyl-5-phenyl-6-{[(1R)-1-(pyridin-2-yl)ethyl]sulfanyl}-1,5-dihydro-4H-pyrazolo[3,4-d]pyrimidin-4-one
6 water water
#
_entity_poly.entity_id   1
_entity_poly.type   'polypeptide(L)'
_entity_poly.pdbx_seq_one_letter_code
;MSSSGTPDLPVLLTDLKIQYTKIFINNEWHDSVSGKKFPVFNPATEEELCQVEEGDKEDVDKAVKAARQAFQIGSPWRTM
DASERGRLLYKLADLIERDRLLLATMESMNGGKLYSNAYLSDLAGCIKTLRYCAGWADKIQGRTIPIDGNFFTYTRHEPI
GVCGQIIPWNFPLVMLIWKIGPALSCGNTVVVKPAEQTPLTALHVASLIKEAGFPPGVVNIVPGYGPTAGAAISSHMDID
KVAFTGSTEVGKLIKEAAGKSNLKRVTLELGGKSPCIVLADADLDNAVEFAHHGVFYHQGQCCIAASRIFVEESIYDEFV
RRSVERAKKYILGNPLTPGVTQGPQIDKEQYDKILDLIESGKKEGAKLECGGGPWGNKGYFVQPTVFSNVTDEMRIAKEE
IFGPVQQIMKFKSLDDVIKRANNTFYGLSAGVFTKDIDKAITISSALQAGTVWVNCYGVVSAQCPFGGFKMSGNGRELGE
YGFHEYTEVKTVTVKISQKNS
;
_entity_poly.pdbx_strand_id   A
#
loop_
_chem_comp.id
_chem_comp.type
_chem_comp.name
_chem_comp.formula
CL non-polymer 'CHLORIDE ION' 'Cl -1'
NAD non-polymer NICOTINAMIDE-ADENINE-DINUCLEOTIDE 'C21 H27 N7 O14 P2'
VMA non-polymer 1-methyl-5-phenyl-6-{[(1R)-1-(pyridin-2-yl)ethyl]sulfanyl}-1,5-dihydro-4H-pyrazolo[3,4-d]pyrimidin-4-one 'C19 H17 N5 O S'
YB non-polymer 'YTTERBIUM (III) ION' 'Yb 3'
#
# COMPACT_ATOMS: atom_id res chain seq x y z
N ASP A 8 -12.57 11.19 -19.52
CA ASP A 8 -13.66 11.98 -18.87
C ASP A 8 -13.58 11.90 -17.35
N LEU A 9 -13.75 13.05 -16.70
CA LEU A 9 -13.61 13.18 -15.25
C LEU A 9 -14.88 13.81 -14.65
N PRO A 10 -15.86 12.97 -14.28
CA PRO A 10 -17.06 13.49 -13.63
C PRO A 10 -16.76 13.87 -12.18
N VAL A 11 -17.60 14.73 -11.66
CA VAL A 11 -17.45 15.24 -10.29
CA VAL A 11 -17.46 15.32 -10.32
C VAL A 11 -18.73 15.08 -9.50
N LEU A 12 -18.60 15.10 -8.17
CA LEU A 12 -19.72 15.05 -7.26
C LEU A 12 -20.46 16.38 -7.41
N LEU A 13 -21.77 16.30 -7.64
CA LEU A 13 -22.56 17.49 -7.98
C LEU A 13 -23.10 18.24 -6.76
N THR A 14 -23.03 17.65 -5.56
CA THR A 14 -23.24 18.40 -4.31
C THR A 14 -22.08 18.17 -3.34
N ASP A 15 -21.99 19.06 -2.35
CA ASP A 15 -20.90 19.03 -1.36
C ASP A 15 -20.89 17.72 -0.59
N LEU A 16 -19.69 17.30 -0.21
CA LEU A 16 -19.49 16.05 0.48
C LEU A 16 -19.98 16.21 1.91
N LYS A 17 -20.86 15.31 2.34
CA LYS A 17 -21.32 15.28 3.72
C LYS A 17 -20.72 14.04 4.36
N ILE A 18 -19.97 14.21 5.44
CA ILE A 18 -19.39 13.10 6.16
C ILE A 18 -20.47 12.49 7.09
N GLN A 19 -20.68 11.19 6.96
CA GLN A 19 -21.66 10.43 7.76
C GLN A 19 -21.03 9.42 8.73
N TYR A 20 -20.07 8.63 8.25
CA TYR A 20 -19.56 7.52 9.04
C TYR A 20 -18.30 7.94 9.80
N THR A 21 -18.43 8.02 11.13
CA THR A 21 -17.39 8.48 12.04
C THR A 21 -17.14 7.58 13.25
N LYS A 22 -17.72 6.38 13.26
CA LYS A 22 -17.69 5.51 14.43
C LYS A 22 -16.90 4.24 14.19
N ILE A 23 -16.63 3.53 15.28
CA ILE A 23 -16.02 2.22 15.22
C ILE A 23 -17.05 1.21 14.70
N PHE A 24 -16.60 0.33 13.81
CA PHE A 24 -17.44 -0.64 13.11
C PHE A 24 -17.10 -2.05 13.59
N ILE A 25 -18.00 -2.67 14.35
CA ILE A 25 -17.79 -4.01 14.93
C ILE A 25 -19.10 -4.78 14.88
N ASN A 26 -19.08 -6.01 14.37
CA ASN A 26 -20.28 -6.84 14.22
C ASN A 26 -21.38 -6.12 13.40
N ASN A 27 -20.95 -5.46 12.32
CA ASN A 27 -21.81 -4.64 11.44
C ASN A 27 -22.65 -3.57 12.13
N GLU A 28 -22.19 -3.06 13.25
CA GLU A 28 -22.84 -1.94 13.89
C GLU A 28 -21.83 -0.86 14.29
N TRP A 29 -22.35 0.34 14.50
CA TRP A 29 -21.54 1.51 14.77
C TRP A 29 -21.43 1.70 16.28
N HIS A 30 -20.21 1.71 16.82
CA HIS A 30 -19.97 1.83 18.26
C HIS A 30 -19.25 3.13 18.56
N ASP A 31 -19.58 3.73 19.72
CA ASP A 31 -18.71 4.77 20.27
C ASP A 31 -17.49 4.09 20.87
N SER A 32 -16.42 4.85 21.04
CA SER A 32 -15.25 4.38 21.74
C SER A 32 -15.61 4.03 23.19
N VAL A 33 -14.92 3.05 23.76
CA VAL A 33 -15.16 2.64 25.14
C VAL A 33 -14.89 3.84 26.07
N SER A 34 -13.75 4.49 25.85
CA SER A 34 -13.38 5.70 26.59
C SER A 34 -14.36 6.86 26.45
N GLY A 35 -14.97 6.98 25.27
CA GLY A 35 -15.80 8.12 24.92
C GLY A 35 -15.05 9.16 24.10
N LYS A 36 -13.73 9.02 24.01
CA LYS A 36 -12.88 9.99 23.32
C LYS A 36 -13.02 9.89 21.82
N LYS A 37 -12.84 11.04 21.17
CA LYS A 37 -12.81 11.18 19.72
C LYS A 37 -11.56 11.95 19.35
N PHE A 38 -11.14 11.83 18.10
CA PHE A 38 -9.99 12.56 17.60
C PHE A 38 -10.30 13.30 16.29
N PRO A 39 -9.62 14.44 16.06
CA PRO A 39 -9.83 15.21 14.82
C PRO A 39 -9.22 14.56 13.57
N VAL A 40 -9.87 14.82 12.43
CA VAL A 40 -9.36 14.44 11.14
C VAL A 40 -9.27 15.71 10.29
N PHE A 41 -8.14 15.90 9.63
CA PHE A 41 -7.83 17.17 8.95
C PHE A 41 -7.79 17.00 7.43
N ASN A 42 -7.97 18.12 6.72
CA ASN A 42 -7.70 18.22 5.29
C ASN A 42 -6.28 18.80 5.17
N PRO A 43 -5.30 18.02 4.66
CA PRO A 43 -3.92 18.56 4.55
C PRO A 43 -3.72 19.79 3.64
N ALA A 44 -4.65 20.05 2.71
CA ALA A 44 -4.60 21.21 1.83
C ALA A 44 -4.95 22.54 2.51
N THR A 45 -5.87 22.50 3.48
CA THR A 45 -6.33 23.70 4.20
C THR A 45 -5.85 23.75 5.66
N GLU A 46 -5.39 22.62 6.20
CA GLU A 46 -5.07 22.45 7.64
C GLU A 46 -6.29 22.59 8.56
N GLU A 47 -7.49 22.36 8.00
CA GLU A 47 -8.74 22.53 8.73
C GLU A 47 -9.32 21.16 9.04
N GLU A 48 -9.94 21.08 10.21
CA GLU A 48 -10.61 19.89 10.67
C GLU A 48 -11.84 19.63 9.80
N LEU A 49 -11.95 18.40 9.31
CA LEU A 49 -13.11 17.94 8.55
C LEU A 49 -14.21 17.41 9.49
N CYS A 50 -13.81 16.71 10.54
CA CYS A 50 -14.75 16.11 11.51
C CYS A 50 -13.97 15.51 12.66
N GLN A 51 -14.71 14.97 13.62
CA GLN A 51 -14.18 14.13 14.69
C GLN A 51 -14.60 12.68 14.49
N VAL A 52 -13.72 11.75 14.88
CA VAL A 52 -13.95 10.32 14.70
C VAL A 52 -13.73 9.62 16.03
N GLU A 53 -14.49 8.56 16.30
CA GLU A 53 -14.35 7.81 17.56
C GLU A 53 -12.93 7.23 17.65
N GLU A 54 -12.24 7.48 18.78
CA GLU A 54 -10.87 6.99 18.96
C GLU A 54 -10.81 5.59 19.56
N GLY A 55 -10.52 4.61 18.71
CA GLY A 55 -10.32 3.24 19.17
C GLY A 55 -9.01 3.10 19.92
N ASP A 56 -9.04 2.27 20.96
CA ASP A 56 -7.87 1.95 21.76
C ASP A 56 -7.92 0.43 22.09
N LYS A 57 -7.09 -0.04 23.01
CA LYS A 57 -6.99 -1.46 23.35
C LYS A 57 -8.37 -2.13 23.56
N GLU A 58 -9.24 -1.45 24.29
CA GLU A 58 -10.53 -2.01 24.72
C GLU A 58 -11.43 -2.22 23.49
N ASP A 59 -11.36 -1.30 22.53
CA ASP A 59 -12.13 -1.39 21.29
C ASP A 59 -11.59 -2.46 20.36
N VAL A 60 -10.25 -2.53 20.27
CA VAL A 60 -9.60 -3.60 19.53
C VAL A 60 -10.00 -4.96 20.12
N ASP A 61 -10.04 -5.06 21.45
CA ASP A 61 -10.44 -6.29 22.11
C ASP A 61 -11.86 -6.72 21.73
N LYS A 62 -12.78 -5.76 21.58
CA LYS A 62 -14.15 -6.02 21.11
C LYS A 62 -14.18 -6.50 19.68
N ALA A 63 -13.41 -5.84 18.82
CA ALA A 63 -13.30 -6.24 17.42
C ALA A 63 -12.76 -7.66 17.23
N VAL A 64 -11.72 -7.99 17.99
CA VAL A 64 -11.12 -9.32 17.91
C VAL A 64 -12.12 -10.40 18.36
N LYS A 65 -12.82 -10.14 19.47
CA LYS A 65 -13.88 -11.06 19.92
C LYS A 65 -14.94 -11.28 18.85
N ALA A 66 -15.38 -10.21 18.20
CA ALA A 66 -16.34 -10.32 17.07
C ALA A 66 -15.77 -11.08 15.88
N ALA A 67 -14.51 -10.80 15.53
CA ALA A 67 -13.81 -11.51 14.46
C ALA A 67 -13.62 -12.99 14.79
N ARG A 68 -13.25 -13.29 16.04
CA ARG A 68 -13.11 -14.70 16.45
C ARG A 68 -14.45 -15.41 16.35
N GLN A 69 -15.51 -14.79 16.85
CA GLN A 69 -16.83 -15.44 16.82
C GLN A 69 -17.29 -15.73 15.38
N ALA A 70 -17.07 -14.78 14.47
CA ALA A 70 -17.37 -14.97 13.04
C ALA A 70 -16.53 -16.07 12.36
N PHE A 71 -15.37 -16.40 12.91
CA PHE A 71 -14.51 -17.43 12.35
C PHE A 71 -14.78 -18.83 12.93
N GLN A 72 -15.69 -18.95 13.91
CA GLN A 72 -15.91 -20.24 14.57
C GLN A 72 -16.42 -21.29 13.61
N ILE A 73 -15.94 -22.52 13.75
CA ILE A 73 -16.47 -23.67 13.02
C ILE A 73 -17.99 -23.67 13.16
N GLY A 74 -18.69 -23.78 12.04
CA GLY A 74 -20.16 -23.80 12.03
C GLY A 74 -20.81 -22.45 11.74
N SER A 75 -20.01 -21.38 11.74
CA SER A 75 -20.55 -20.02 11.55
C SER A 75 -20.88 -19.78 10.08
N PRO A 76 -21.72 -18.76 9.80
CA PRO A 76 -22.04 -18.44 8.41
C PRO A 76 -20.84 -18.23 7.48
N TRP A 77 -19.82 -17.51 7.94
CA TRP A 77 -18.64 -17.23 7.13
C TRP A 77 -17.76 -18.47 6.86
N ARG A 78 -17.69 -19.39 7.81
CA ARG A 78 -16.99 -20.67 7.60
C ARG A 78 -17.75 -21.68 6.74
N THR A 79 -19.08 -21.70 6.84
CA THR A 79 -19.87 -22.74 6.16
C THR A 79 -20.37 -22.32 4.77
N MET A 80 -20.38 -21.02 4.48
CA MET A 80 -20.92 -20.58 3.20
C MET A 80 -20.03 -21.04 2.07
N ASP A 81 -20.61 -21.21 0.90
CA ASP A 81 -19.85 -21.59 -0.28
C ASP A 81 -18.72 -20.59 -0.52
N ALA A 82 -17.57 -21.11 -0.96
CA ALA A 82 -16.47 -20.24 -1.38
C ALA A 82 -16.96 -19.26 -2.43
N SER A 83 -17.74 -19.77 -3.37
CA SER A 83 -18.29 -18.97 -4.47
C SER A 83 -19.14 -17.79 -3.98
N GLU A 84 -19.84 -17.98 -2.86
CA GLU A 84 -20.64 -16.93 -2.20
CA GLU A 84 -20.62 -16.92 -2.22
C GLU A 84 -19.74 -15.92 -1.49
N ARG A 85 -18.62 -16.37 -0.90
CA ARG A 85 -17.63 -15.39 -0.41
C ARG A 85 -17.22 -14.47 -1.61
N GLY A 86 -17.00 -15.08 -2.78
CA GLY A 86 -16.65 -14.33 -3.98
C GLY A 86 -17.75 -13.41 -4.44
N ARG A 87 -18.98 -13.92 -4.41
CA ARG A 87 -20.16 -13.14 -4.74
C ARG A 87 -20.23 -11.84 -3.91
N LEU A 88 -19.99 -11.96 -2.60
CA LEU A 88 -20.02 -10.81 -1.70
C LEU A 88 -18.94 -9.77 -2.05
N LEU A 89 -17.75 -10.24 -2.38
CA LEU A 89 -16.67 -9.35 -2.82
C LEU A 89 -16.97 -8.64 -4.14
N TYR A 90 -17.59 -9.33 -5.10
N TYR A 90 -17.57 -9.37 -5.10
CA TYR A 90 -18.01 -8.68 -6.34
CA TYR A 90 -18.05 -8.77 -6.35
C TYR A 90 -19.11 -7.65 -6.09
C TYR A 90 -19.08 -7.66 -6.07
N LYS A 91 -20.00 -7.94 -5.13
CA LYS A 91 -21.02 -6.98 -4.72
C LYS A 91 -20.42 -5.72 -4.05
N LEU A 92 -19.46 -5.92 -3.14
CA LEU A 92 -18.77 -4.77 -2.55
C LEU A 92 -18.10 -3.89 -3.62
N ALA A 93 -17.52 -4.52 -4.64
CA ALA A 93 -16.94 -3.80 -5.76
C ALA A 93 -17.99 -3.03 -6.56
N ASP A 94 -19.16 -3.63 -6.79
CA ASP A 94 -20.28 -2.92 -7.43
C ASP A 94 -20.70 -1.69 -6.65
N LEU A 95 -20.71 -1.80 -5.32
CA LEU A 95 -21.11 -0.69 -4.45
C LEU A 95 -20.08 0.44 -4.41
N ILE A 96 -18.80 0.07 -4.36
CA ILE A 96 -17.73 1.06 -4.48
C ILE A 96 -17.80 1.75 -5.83
N GLU A 97 -18.09 1.00 -6.89
CA GLU A 97 -18.33 1.60 -8.20
C GLU A 97 -19.51 2.58 -8.16
N ARG A 98 -20.60 2.17 -7.49
CA ARG A 98 -21.76 3.05 -7.33
C ARG A 98 -21.37 4.36 -6.63
N ASP A 99 -20.61 4.26 -5.55
CA ASP A 99 -20.21 5.44 -4.78
C ASP A 99 -18.83 5.96 -5.15
N ARG A 100 -18.47 5.87 -6.42
CA ARG A 100 -17.11 6.21 -6.85
C ARG A 100 -16.85 7.70 -6.67
N LEU A 101 -17.81 8.53 -7.08
CA LEU A 101 -17.68 9.99 -6.99
C LEU A 101 -17.50 10.43 -5.54
N LEU A 102 -18.42 9.94 -4.70
CA LEU A 102 -18.35 10.15 -3.26
C LEU A 102 -16.98 9.73 -2.67
N LEU A 103 -16.55 8.53 -3.01
CA LEU A 103 -15.34 7.96 -2.40
C LEU A 103 -14.07 8.65 -2.91
N ALA A 104 -14.05 8.97 -4.21
CA ALA A 104 -12.89 9.66 -4.81
C ALA A 104 -12.75 11.06 -4.22
N THR A 105 -13.88 11.72 -4.00
CA THR A 105 -13.91 13.05 -3.38
C THR A 105 -13.43 12.99 -1.93
N MET A 106 -13.96 12.05 -1.16
CA MET A 106 -13.57 11.91 0.25
C MET A 106 -12.07 11.60 0.39
N GLU A 107 -11.57 10.74 -0.50
CA GLU A 107 -10.17 10.34 -0.52
C GLU A 107 -9.28 11.54 -0.78
N SER A 108 -9.64 12.34 -1.78
CA SER A 108 -8.93 13.56 -2.15
C SER A 108 -8.85 14.56 -1.01
N MET A 109 -10.03 14.87 -0.46
CA MET A 109 -10.21 15.83 0.63
C MET A 109 -9.45 15.45 1.93
N ASN A 110 -9.56 14.20 2.35
CA ASN A 110 -8.94 13.69 3.58
C ASN A 110 -7.44 13.44 3.39
N GLY A 111 -7.07 12.91 2.22
CA GLY A 111 -5.68 12.44 1.98
C GLY A 111 -4.74 13.36 1.23
N GLY A 112 -5.23 14.53 0.80
CA GLY A 112 -4.45 15.46 -0.01
C GLY A 112 -4.10 14.90 -1.37
N LYS A 113 -4.98 14.06 -1.90
CA LYS A 113 -4.73 13.27 -3.09
C LYS A 113 -5.43 13.92 -4.24
N LEU A 114 -4.70 14.19 -5.32
CA LEU A 114 -5.30 14.78 -6.53
C LEU A 114 -6.59 14.01 -6.88
N TYR A 115 -7.65 14.76 -7.16
CA TYR A 115 -8.95 14.13 -7.40
C TYR A 115 -8.95 13.28 -8.67
N SER A 116 -8.33 13.77 -9.76
CA SER A 116 -8.34 12.99 -11.02
C SER A 116 -7.65 11.64 -10.87
N ASN A 117 -6.59 11.59 -10.06
CA ASN A 117 -5.89 10.33 -9.79
C ASN A 117 -6.72 9.48 -8.84
N ALA A 118 -7.28 10.11 -7.81
CA ALA A 118 -8.16 9.43 -6.86
C ALA A 118 -9.32 8.74 -7.59
N TYR A 119 -9.96 9.49 -8.49
CA TYR A 119 -11.06 8.96 -9.28
C TYR A 119 -10.61 7.95 -10.35
N LEU A 120 -9.62 8.30 -11.16
CA LEU A 120 -9.25 7.47 -12.32
C LEU A 120 -8.33 6.30 -11.99
N SER A 121 -7.44 6.47 -11.01
CA SER A 121 -6.48 5.41 -10.61
CA SER A 121 -6.48 5.41 -10.61
C SER A 121 -6.90 4.69 -9.34
N ASP A 122 -6.96 5.39 -8.20
CA ASP A 122 -7.21 4.72 -6.92
C ASP A 122 -8.53 3.97 -6.87
N LEU A 123 -9.60 4.64 -7.30
CA LEU A 123 -10.92 4.03 -7.27
C LEU A 123 -11.02 2.85 -8.22
N ALA A 124 -10.50 3.04 -9.44
CA ALA A 124 -10.40 1.95 -10.41
C ALA A 124 -9.56 0.77 -9.90
N GLY A 125 -8.46 1.06 -9.21
CA GLY A 125 -7.64 0.01 -8.57
C GLY A 125 -8.36 -0.76 -7.48
N CYS A 126 -9.12 -0.04 -6.65
CA CYS A 126 -9.96 -0.67 -5.62
C CYS A 126 -10.97 -1.63 -6.23
N ILE A 127 -11.67 -1.14 -7.26
CA ILE A 127 -12.75 -1.88 -7.90
C ILE A 127 -12.20 -3.11 -8.60
N LYS A 128 -11.17 -2.91 -9.44
CA LYS A 128 -10.52 -4.01 -10.14
C LYS A 128 -9.87 -5.03 -9.21
N THR A 129 -9.28 -4.57 -8.11
CA THR A 129 -8.61 -5.49 -7.16
C THR A 129 -9.62 -6.33 -6.42
N LEU A 130 -10.77 -5.75 -6.05
CA LEU A 130 -11.84 -6.51 -5.41
C LEU A 130 -12.41 -7.55 -6.34
N ARG A 131 -12.63 -7.18 -7.60
CA ARG A 131 -13.12 -8.13 -8.57
C ARG A 131 -12.12 -9.26 -8.82
N TYR A 132 -10.83 -8.94 -8.84
CA TYR A 132 -9.77 -9.95 -8.93
C TYR A 132 -9.83 -10.92 -7.75
N CYS A 133 -9.86 -10.39 -6.54
CA CYS A 133 -9.90 -11.21 -5.34
C CYS A 133 -11.17 -12.06 -5.22
N ALA A 134 -12.30 -11.50 -5.67
CA ALA A 134 -13.56 -12.24 -5.75
C ALA A 134 -13.41 -13.51 -6.59
N GLY A 135 -12.77 -13.38 -7.76
CA GLY A 135 -12.56 -14.51 -8.65
C GLY A 135 -11.75 -15.67 -8.09
N TRP A 136 -10.87 -15.40 -7.12
CA TRP A 136 -10.05 -16.44 -6.48
C TRP A 136 -10.78 -17.29 -5.45
N ALA A 137 -11.85 -16.76 -4.85
CA ALA A 137 -12.43 -17.37 -3.66
C ALA A 137 -12.67 -18.87 -3.75
N ASP A 138 -13.28 -19.33 -4.85
CA ASP A 138 -13.63 -20.72 -5.05
C ASP A 138 -12.62 -21.45 -5.98
N LYS A 139 -11.43 -20.88 -6.07
CA LYS A 139 -10.30 -21.45 -6.77
C LYS A 139 -9.09 -21.60 -5.84
N ILE A 140 -9.28 -21.39 -4.52
CA ILE A 140 -8.24 -21.65 -3.53
C ILE A 140 -8.34 -23.14 -3.25
N GLN A 141 -7.31 -23.89 -3.64
CA GLN A 141 -7.35 -25.37 -3.62
C GLN A 141 -6.16 -25.97 -2.88
N GLY A 142 -6.39 -27.10 -2.23
CA GLY A 142 -5.31 -27.92 -1.65
C GLY A 142 -4.81 -28.97 -2.62
N ARG A 143 -4.20 -30.03 -2.08
CA ARG A 143 -3.63 -31.09 -2.90
C ARG A 143 -4.01 -32.46 -2.39
N THR A 144 -3.98 -33.43 -3.29
CA THR A 144 -3.90 -34.84 -2.93
C THR A 144 -2.48 -35.26 -3.32
N ILE A 145 -1.84 -36.00 -2.42
CA ILE A 145 -0.40 -36.18 -2.40
C ILE A 145 -0.10 -37.69 -2.32
N PRO A 146 0.74 -38.21 -3.23
CA PRO A 146 1.12 -39.64 -3.25
C PRO A 146 2.22 -39.97 -2.25
N ILE A 147 1.89 -39.78 -0.97
CA ILE A 147 2.72 -40.07 0.20
C ILE A 147 3.26 -41.51 0.17
N ASP A 148 4.44 -41.75 0.74
CA ASP A 148 4.91 -43.12 0.98
C ASP A 148 3.97 -43.86 1.94
N GLY A 149 3.81 -45.18 1.72
CA GLY A 149 2.99 -46.02 2.57
C GLY A 149 1.50 -46.05 2.22
N ASN A 150 0.75 -46.92 2.88
CA ASN A 150 -0.68 -47.11 2.58
C ASN A 150 -1.55 -46.08 3.29
N PHE A 151 -1.56 -44.87 2.73
CA PHE A 151 -2.25 -43.72 3.28
C PHE A 151 -2.88 -42.90 2.15
N PHE A 152 -3.96 -42.21 2.50
CA PHE A 152 -4.57 -41.17 1.67
C PHE A 152 -4.29 -39.84 2.32
N THR A 153 -3.57 -38.96 1.60
CA THR A 153 -3.15 -37.69 2.14
C THR A 153 -3.68 -36.57 1.26
N TYR A 154 -4.38 -35.63 1.89
CA TYR A 154 -4.78 -34.41 1.21
C TYR A 154 -4.43 -33.23 2.07
N THR A 155 -4.47 -32.04 1.48
CA THR A 155 -4.25 -30.81 2.22
C THR A 155 -5.44 -29.88 2.07
N ARG A 156 -5.73 -29.16 3.15
CA ARG A 156 -6.72 -28.10 3.15
C ARG A 156 -5.95 -26.80 3.26
N HIS A 157 -6.20 -25.89 2.33
CA HIS A 157 -5.70 -24.52 2.42
C HIS A 157 -6.80 -23.74 3.08
N GLU A 158 -6.80 -23.78 4.42
CA GLU A 158 -7.81 -23.14 5.24
C GLU A 158 -7.50 -21.65 5.38
N PRO A 159 -8.52 -20.85 5.74
CA PRO A 159 -8.16 -19.51 6.22
C PRO A 159 -7.35 -19.60 7.53
N ILE A 160 -6.59 -18.56 7.81
CA ILE A 160 -5.74 -18.50 9.01
C ILE A 160 -6.62 -18.26 10.22
N GLY A 161 -7.47 -17.24 10.14
CA GLY A 161 -8.31 -16.86 11.25
C GLY A 161 -8.47 -15.36 11.30
N VAL A 162 -8.25 -14.80 12.49
CA VAL A 162 -8.43 -13.37 12.70
C VAL A 162 -7.13 -12.66 12.25
N CYS A 163 -7.26 -11.79 11.23
CA CYS A 163 -6.14 -11.03 10.70
C CYS A 163 -6.24 -9.55 11.07
N GLY A 164 -5.25 -9.07 11.82
CA GLY A 164 -5.08 -7.66 12.10
C GLY A 164 -4.38 -6.99 10.94
N GLN A 165 -4.89 -5.85 10.50
CA GLN A 165 -4.40 -5.23 9.28
C GLN A 165 -4.27 -3.73 9.55
N ILE A 166 -3.02 -3.28 9.57
CA ILE A 166 -2.63 -1.91 9.92
C ILE A 166 -2.18 -1.19 8.65
N ILE A 167 -2.86 -0.07 8.35
CA ILE A 167 -2.95 0.52 7.03
C ILE A 167 -2.35 1.95 7.11
N PRO A 168 -1.64 2.40 6.04
CA PRO A 168 -1.07 3.75 6.01
C PRO A 168 -2.03 4.78 5.38
N TRP A 169 -1.55 6.02 5.28
CA TRP A 169 -2.37 7.20 4.88
C TRP A 169 -2.19 7.62 3.40
N ASN A 170 -1.20 7.04 2.71
CA ASN A 170 -0.85 7.46 1.36
C ASN A 170 -1.80 6.94 0.29
N PHE A 171 -2.32 5.73 0.51
CA PHE A 171 -3.34 5.13 -0.35
C PHE A 171 -4.41 4.47 0.54
N PRO A 172 -5.21 5.29 1.26
CA PRO A 172 -6.08 4.70 2.29
C PRO A 172 -7.02 3.62 1.77
N LEU A 173 -7.66 3.91 0.64
CA LEU A 173 -8.70 3.04 0.09
C LEU A 173 -8.07 1.85 -0.62
N VAL A 174 -7.04 2.13 -1.42
CA VAL A 174 -6.33 1.08 -2.16
C VAL A 174 -5.72 0.09 -1.15
N MET A 175 -5.08 0.61 -0.10
CA MET A 175 -4.46 -0.24 0.91
C MET A 175 -5.48 -1.06 1.70
N LEU A 176 -6.66 -0.49 1.95
CA LEU A 176 -7.76 -1.22 2.58
C LEU A 176 -8.18 -2.42 1.75
N ILE A 177 -8.37 -2.20 0.46
CA ILE A 177 -8.79 -3.26 -0.47
C ILE A 177 -7.67 -4.29 -0.70
N TRP A 178 -6.42 -3.86 -0.84
CA TRP A 178 -5.27 -4.80 -0.91
C TRP A 178 -5.21 -5.74 0.29
N LYS A 179 -5.50 -5.22 1.48
CA LYS A 179 -5.57 -6.04 2.70
C LYS A 179 -6.83 -6.92 2.80
N ILE A 180 -8.02 -6.33 2.72
CA ILE A 180 -9.25 -7.10 2.98
C ILE A 180 -9.65 -8.05 1.83
N GLY A 181 -9.31 -7.68 0.59
CA GLY A 181 -9.69 -8.48 -0.58
C GLY A 181 -9.18 -9.93 -0.56
N PRO A 182 -7.85 -10.10 -0.51
CA PRO A 182 -7.25 -11.43 -0.34
C PRO A 182 -7.68 -12.14 0.95
N ALA A 183 -7.73 -11.41 2.06
CA ALA A 183 -8.02 -12.04 3.37
C ALA A 183 -9.41 -12.61 3.42
N LEU A 184 -10.37 -11.82 2.96
CA LEU A 184 -11.77 -12.23 2.88
C LEU A 184 -12.01 -13.29 1.81
N SER A 185 -11.33 -13.19 0.67
CA SER A 185 -11.46 -14.22 -0.38
C SER A 185 -11.03 -15.61 0.15
N CYS A 186 -9.95 -15.64 0.94
CA CYS A 186 -9.49 -16.88 1.58
C CYS A 186 -10.32 -17.33 2.79
N GLY A 187 -11.24 -16.49 3.28
CA GLY A 187 -12.17 -16.91 4.35
C GLY A 187 -11.76 -16.49 5.74
N ASN A 188 -10.80 -15.57 5.83
CA ASN A 188 -10.39 -14.96 7.11
C ASN A 188 -11.44 -13.94 7.56
N THR A 189 -11.35 -13.57 8.84
CA THR A 189 -12.02 -12.38 9.37
C THR A 189 -10.95 -11.33 9.71
N VAL A 190 -11.33 -10.06 9.67
CA VAL A 190 -10.32 -9.00 9.79
C VAL A 190 -10.66 -7.90 10.82
N VAL A 191 -9.60 -7.34 11.41
CA VAL A 191 -9.65 -6.18 12.28
C VAL A 191 -8.72 -5.17 11.64
N VAL A 192 -9.29 -4.14 11.02
CA VAL A 192 -8.52 -3.14 10.27
C VAL A 192 -8.32 -1.88 11.10
N LYS A 193 -7.08 -1.37 11.13
CA LYS A 193 -6.80 -0.09 11.75
C LYS A 193 -6.31 0.88 10.67
N PRO A 194 -7.20 1.75 10.17
CA PRO A 194 -6.75 2.76 9.22
C PRO A 194 -5.80 3.74 9.86
N ALA A 195 -5.03 4.42 9.03
CA ALA A 195 -4.19 5.53 9.49
C ALA A 195 -5.06 6.55 10.21
N GLU A 196 -4.56 7.05 11.33
CA GLU A 196 -5.20 8.11 12.08
C GLU A 196 -5.51 9.34 11.21
N GLN A 197 -4.63 9.62 10.24
CA GLN A 197 -4.82 10.75 9.30
C GLN A 197 -6.02 10.55 8.35
N THR A 198 -6.32 9.28 8.01
CA THR A 198 -7.23 8.96 6.91
C THR A 198 -8.17 7.80 7.20
N PRO A 199 -9.03 7.93 8.23
CA PRO A 199 -10.01 6.87 8.52
C PRO A 199 -11.30 6.93 7.70
N LEU A 200 -11.56 8.06 7.02
CA LEU A 200 -12.92 8.34 6.52
C LEU A 200 -13.39 7.41 5.42
N THR A 201 -12.56 7.16 4.41
CA THR A 201 -12.96 6.30 3.30
C THR A 201 -13.18 4.83 3.73
N ALA A 202 -12.38 4.39 4.71
CA ALA A 202 -12.53 3.06 5.31
C ALA A 202 -13.91 2.88 5.96
N LEU A 203 -14.35 3.89 6.69
CA LEU A 203 -15.63 3.83 7.39
C LEU A 203 -16.78 3.90 6.40
N HIS A 204 -16.63 4.67 5.31
CA HIS A 204 -17.61 4.56 4.25
C HIS A 204 -17.70 3.14 3.69
N VAL A 205 -16.55 2.52 3.39
CA VAL A 205 -16.52 1.16 2.84
C VAL A 205 -17.16 0.15 3.81
N ALA A 206 -16.91 0.31 5.11
CA ALA A 206 -17.59 -0.51 6.13
C ALA A 206 -19.14 -0.47 6.00
N SER A 207 -19.67 0.72 5.69
CA SER A 207 -21.12 0.87 5.44
C SER A 207 -21.55 0.01 4.27
N LEU A 208 -20.70 -0.07 3.25
CA LEU A 208 -20.96 -0.88 2.07
C LEU A 208 -20.79 -2.39 2.32
N ILE A 209 -19.89 -2.73 3.25
CA ILE A 209 -19.72 -4.12 3.71
C ILE A 209 -21.02 -4.62 4.38
N LYS A 210 -21.61 -3.77 5.22
CA LYS A 210 -22.92 -4.05 5.78
C LYS A 210 -23.97 -4.22 4.68
N GLU A 211 -24.08 -3.23 3.80
CA GLU A 211 -25.08 -3.22 2.72
C GLU A 211 -24.95 -4.42 1.76
N ALA A 212 -23.73 -4.85 1.49
CA ALA A 212 -23.46 -5.99 0.63
C ALA A 212 -23.89 -7.32 1.26
N GLY A 213 -23.96 -7.35 2.59
CA GLY A 213 -24.50 -8.49 3.32
C GLY A 213 -23.46 -9.42 3.91
N PHE A 214 -22.23 -8.93 4.13
CA PHE A 214 -21.18 -9.76 4.76
C PHE A 214 -21.66 -10.10 6.16
N PRO A 215 -21.43 -11.35 6.61
CA PRO A 215 -21.86 -11.69 7.96
C PRO A 215 -21.23 -10.78 9.01
N PRO A 216 -21.96 -10.51 10.11
CA PRO A 216 -21.38 -9.61 11.11
C PRO A 216 -20.08 -10.14 11.73
N GLY A 217 -19.14 -9.23 11.94
CA GLY A 217 -17.83 -9.56 12.52
C GLY A 217 -16.78 -10.07 11.55
N VAL A 218 -17.14 -10.23 10.28
CA VAL A 218 -16.18 -10.62 9.24
C VAL A 218 -15.20 -9.48 8.95
N VAL A 219 -15.70 -8.25 8.91
CA VAL A 219 -14.86 -7.04 8.79
C VAL A 219 -15.21 -6.09 9.93
N ASN A 220 -14.17 -5.72 10.69
CA ASN A 220 -14.30 -4.78 11.78
C ASN A 220 -13.26 -3.71 11.55
N ILE A 221 -13.63 -2.46 11.79
CA ILE A 221 -12.77 -1.32 11.50
C ILE A 221 -12.67 -0.45 12.76
N VAL A 222 -11.44 -0.33 13.25
CA VAL A 222 -11.15 0.39 14.48
C VAL A 222 -10.23 1.55 14.13
N PRO A 223 -10.80 2.75 13.86
CA PRO A 223 -9.91 3.90 13.68
C PRO A 223 -9.30 4.30 15.02
N GLY A 224 -8.14 4.94 14.93
CA GLY A 224 -7.37 5.32 16.11
C GLY A 224 -5.88 5.42 15.83
N TYR A 225 -5.09 5.55 16.90
CA TYR A 225 -3.66 5.85 16.76
C TYR A 225 -2.78 4.59 16.84
N GLY A 226 -1.53 4.77 16.43
CA GLY A 226 -0.59 3.68 16.24
C GLY A 226 -0.11 3.00 17.51
N PRO A 227 0.51 3.75 18.45
CA PRO A 227 0.97 3.17 19.72
C PRO A 227 -0.13 2.67 20.66
N THR A 228 -1.38 3.00 20.36
CA THR A 228 -2.52 2.57 21.16
C THR A 228 -3.25 1.42 20.45
N ALA A 229 -4.03 1.75 19.43
CA ALA A 229 -4.82 0.75 18.69
C ALA A 229 -3.93 -0.20 17.89
N GLY A 230 -2.94 0.35 17.18
CA GLY A 230 -1.98 -0.46 16.44
C GLY A 230 -1.20 -1.45 17.30
N ALA A 231 -0.66 -0.99 18.42
CA ALA A 231 0.10 -1.85 19.33
C ALA A 231 -0.76 -2.95 19.96
N ALA A 232 -2.03 -2.64 20.22
CA ALA A 232 -2.98 -3.62 20.73
C ALA A 232 -3.19 -4.77 19.76
N ILE A 233 -3.22 -4.45 18.46
CA ILE A 233 -3.31 -5.44 17.38
C ILE A 233 -2.02 -6.27 17.34
N SER A 234 -0.87 -5.62 17.22
CA SER A 234 0.41 -6.32 17.12
C SER A 234 0.67 -7.26 18.30
N SER A 235 0.25 -6.86 19.50
CA SER A 235 0.46 -7.64 20.74
C SER A 235 -0.72 -8.50 21.20
N HIS A 236 -1.75 -8.67 20.36
CA HIS A 236 -2.98 -9.35 20.80
C HIS A 236 -2.78 -10.87 20.82
N MET A 237 -3.11 -11.51 21.95
CA MET A 237 -2.95 -12.97 22.12
C MET A 237 -3.89 -13.87 21.30
N ASP A 238 -4.87 -13.28 20.62
CA ASP A 238 -5.84 -14.02 19.81
C ASP A 238 -6.00 -13.50 18.37
N ILE A 239 -5.02 -12.74 17.89
CA ILE A 239 -4.94 -12.37 16.49
C ILE A 239 -3.89 -13.31 15.86
N ASP A 240 -4.30 -14.00 14.81
CA ASP A 240 -3.48 -15.05 14.23
C ASP A 240 -2.40 -14.51 13.29
N LYS A 241 -2.68 -13.36 12.67
CA LYS A 241 -1.76 -12.73 11.73
C LYS A 241 -1.95 -11.22 11.74
N VAL A 242 -0.85 -10.49 11.65
CA VAL A 242 -0.87 -9.04 11.43
C VAL A 242 -0.18 -8.74 10.09
N ALA A 243 -0.85 -7.97 9.23
CA ALA A 243 -0.25 -7.47 7.99
C ALA A 243 -0.20 -5.96 8.06
N PHE A 244 0.88 -5.38 7.52
CA PHE A 244 1.21 -3.99 7.74
C PHE A 244 1.90 -3.36 6.53
N THR A 245 1.52 -2.12 6.24
CA THR A 245 2.26 -1.27 5.33
C THR A 245 2.55 0.07 6.01
N GLY A 246 3.81 0.49 5.98
CA GLY A 246 4.22 1.74 6.62
C GLY A 246 5.72 1.84 6.82
N SER A 247 6.14 2.47 7.93
CA SER A 247 7.55 2.74 8.20
C SER A 247 8.28 1.50 8.65
N THR A 248 9.61 1.53 8.47
CA THR A 248 10.52 0.48 8.95
C THR A 248 10.49 0.37 10.48
N GLU A 249 10.55 1.53 11.13
CA GLU A 249 10.47 1.64 12.60
C GLU A 249 9.28 0.89 13.21
N VAL A 250 8.09 1.12 12.66
CA VAL A 250 6.87 0.49 13.14
C VAL A 250 6.87 -1.00 12.79
N GLY A 251 7.33 -1.33 11.59
CA GLY A 251 7.51 -2.71 11.18
C GLY A 251 8.27 -3.50 12.22
N LYS A 252 9.41 -2.94 12.63
CA LYS A 252 10.24 -3.48 13.73
C LYS A 252 9.44 -3.64 15.04
N LEU A 253 8.72 -2.59 15.44
CA LEU A 253 7.87 -2.67 16.63
C LEU A 253 6.84 -3.79 16.52
N ILE A 254 6.23 -3.94 15.33
CA ILE A 254 5.19 -4.97 15.12
C ILE A 254 5.76 -6.39 15.28
N LYS A 255 6.88 -6.68 14.63
CA LYS A 255 7.49 -8.03 14.73
C LYS A 255 7.92 -8.38 16.15
N GLU A 256 8.42 -7.41 16.89
CA GLU A 256 8.82 -7.58 18.28
C GLU A 256 7.61 -7.91 19.16
N ALA A 257 6.59 -7.06 19.09
CA ALA A 257 5.33 -7.27 19.79
C ALA A 257 4.67 -8.61 19.47
N ALA A 258 4.66 -8.95 18.18
CA ALA A 258 4.21 -10.25 17.70
C ALA A 258 5.04 -11.40 18.30
N GLY A 259 6.36 -11.24 18.27
CA GLY A 259 7.27 -12.24 18.85
C GLY A 259 7.05 -12.48 20.34
N LYS A 260 6.93 -11.40 21.09
CA LYS A 260 6.70 -11.46 22.54
C LYS A 260 5.32 -11.94 22.96
N SER A 261 4.31 -11.78 22.11
CA SER A 261 2.94 -12.11 22.48
C SER A 261 2.59 -13.55 22.12
N ASN A 262 2.18 -13.82 20.88
CA ASN A 262 1.68 -15.15 20.49
C ASN A 262 2.29 -15.69 19.20
N LEU A 263 3.46 -15.16 18.82
CA LEU A 263 4.14 -15.58 17.60
C LEU A 263 3.23 -15.57 16.37
N LYS A 264 2.32 -14.62 16.34
CA LYS A 264 1.46 -14.42 15.17
C LYS A 264 2.27 -14.27 13.89
N ARG A 265 1.68 -14.71 12.78
CA ARG A 265 2.32 -14.56 11.47
C ARG A 265 2.36 -13.06 11.13
N VAL A 266 3.51 -12.57 10.64
CA VAL A 266 3.65 -11.16 10.31
C VAL A 266 4.09 -11.04 8.85
N THR A 267 3.41 -10.17 8.10
CA THR A 267 3.92 -9.75 6.78
C THR A 267 3.98 -8.23 6.80
N LEU A 268 5.09 -7.68 6.29
CA LEU A 268 5.32 -6.24 6.26
C LEU A 268 5.65 -5.73 4.86
N GLU A 269 5.17 -4.54 4.53
CA GLU A 269 5.68 -3.79 3.37
C GLU A 269 6.11 -2.41 3.88
N LEU A 270 7.37 -2.09 3.64
CA LEU A 270 8.03 -1.00 4.33
C LEU A 270 8.53 -0.03 3.27
N GLY A 271 9.51 0.80 3.56
CA GLY A 271 9.92 1.76 2.52
C GLY A 271 10.57 1.16 1.28
N GLY A 272 11.06 2.05 0.44
CA GLY A 272 12.07 1.69 -0.52
C GLY A 272 13.04 2.83 -0.70
N LYS A 273 14.12 2.52 -1.41
CA LYS A 273 14.93 3.54 -2.03
C LYS A 273 15.20 3.02 -3.43
N SER A 274 14.12 2.96 -4.20
CA SER A 274 14.10 2.18 -5.43
C SER A 274 14.90 2.86 -6.54
N PRO A 275 15.87 2.12 -7.13
CA PRO A 275 16.73 2.69 -8.17
C PRO A 275 16.25 2.40 -9.57
N CYS A 276 16.53 3.33 -10.48
CA CYS A 276 16.41 3.10 -11.92
C CYS A 276 17.80 3.12 -12.54
N ILE A 277 18.01 2.28 -13.55
CA ILE A 277 19.26 2.27 -14.32
C ILE A 277 18.87 2.57 -15.76
N VAL A 278 19.42 3.67 -16.28
CA VAL A 278 19.09 4.14 -17.64
C VAL A 278 20.34 3.99 -18.49
N LEU A 279 20.29 3.03 -19.43
CA LEU A 279 21.40 2.77 -20.34
C LEU A 279 21.42 3.77 -21.49
N ALA A 280 22.61 3.97 -22.07
CA ALA A 280 22.82 4.89 -23.19
C ALA A 280 21.88 4.65 -24.37
N ASP A 281 21.54 3.37 -24.61
CA ASP A 281 20.64 3.01 -25.70
C ASP A 281 19.15 3.16 -25.39
N ALA A 282 18.80 3.60 -24.18
CA ALA A 282 17.39 3.76 -23.78
C ALA A 282 16.64 4.78 -24.59
N ASP A 283 15.35 4.52 -24.81
CA ASP A 283 14.44 5.52 -25.33
C ASP A 283 14.41 6.62 -24.26
N LEU A 284 15.05 7.74 -24.58
CA LEU A 284 15.36 8.77 -23.59
C LEU A 284 14.12 9.48 -23.05
N ASP A 285 13.24 9.92 -23.94
CA ASP A 285 11.98 10.54 -23.53
C ASP A 285 11.12 9.60 -22.69
N ASN A 286 11.00 8.35 -23.12
CA ASN A 286 10.28 7.33 -22.35
C ASN A 286 10.86 7.18 -20.95
N ALA A 287 12.19 7.06 -20.86
CA ALA A 287 12.88 6.90 -19.58
C ALA A 287 12.71 8.11 -18.69
N VAL A 288 12.82 9.31 -19.27
CA VAL A 288 12.62 10.56 -18.52
C VAL A 288 11.18 10.61 -17.94
N GLU A 289 10.18 10.34 -18.77
CA GLU A 289 8.77 10.48 -18.37
C GLU A 289 8.38 9.46 -17.28
N PHE A 290 8.81 8.20 -17.45
CA PHE A 290 8.52 7.16 -16.45
C PHE A 290 9.30 7.35 -15.16
N ALA A 291 10.57 7.73 -15.25
CA ALA A 291 11.35 8.01 -14.04
C ALA A 291 10.78 9.20 -13.28
N HIS A 292 10.36 10.23 -14.01
CA HIS A 292 9.72 11.40 -13.41
C HIS A 292 8.43 11.03 -12.64
N HIS A 293 7.49 10.40 -13.33
CA HIS A 293 6.26 9.94 -12.67
C HIS A 293 6.59 8.91 -11.59
N GLY A 294 7.64 8.12 -11.82
CA GLY A 294 8.12 7.15 -10.82
C GLY A 294 8.50 7.73 -9.47
N VAL A 295 9.05 8.94 -9.47
CA VAL A 295 9.43 9.60 -8.22
C VAL A 295 8.42 10.64 -7.71
N PHE A 296 7.73 11.34 -8.61
CA PHE A 296 6.80 12.41 -8.21
C PHE A 296 5.34 11.99 -7.95
N TYR A 297 4.96 10.75 -8.29
CA TYR A 297 3.55 10.36 -8.14
C TYR A 297 3.05 10.59 -6.70
N HIS A 298 1.84 11.16 -6.58
CA HIS A 298 1.20 11.45 -5.29
C HIS A 298 2.14 12.20 -4.32
N GLN A 299 2.74 13.27 -4.81
CA GLN A 299 3.68 14.08 -4.02
C GLN A 299 4.87 13.27 -3.44
N GLY A 300 5.30 12.26 -4.20
CA GLY A 300 6.39 11.38 -3.79
C GLY A 300 6.08 10.41 -2.67
N GLN A 301 4.80 10.24 -2.33
CA GLN A 301 4.39 9.54 -1.13
C GLN A 301 4.03 8.09 -1.47
N CYS A 302 4.89 7.45 -2.28
CA CYS A 302 4.70 6.08 -2.71
C CYS A 302 5.88 5.27 -2.24
N CYS A 303 5.61 4.08 -1.72
CA CYS A 303 6.64 3.14 -1.30
C CYS A 303 7.63 2.83 -2.44
N ILE A 304 7.11 2.75 -3.66
CA ILE A 304 7.93 2.45 -4.83
C ILE A 304 8.68 3.62 -5.46
N ALA A 305 8.68 4.79 -4.83
CA ALA A 305 9.28 6.01 -5.42
C ALA A 305 10.68 5.75 -6.00
N ALA A 306 10.87 6.15 -7.26
CA ALA A 306 12.10 5.91 -8.00
C ALA A 306 13.14 6.96 -7.59
N SER A 307 13.61 6.82 -6.35
CA SER A 307 14.32 7.88 -5.64
C SER A 307 15.83 7.87 -5.85
N ARG A 308 16.33 6.98 -6.70
CA ARG A 308 17.70 7.04 -7.19
C ARG A 308 17.67 6.71 -8.68
N ILE A 309 18.04 7.67 -9.51
CA ILE A 309 18.04 7.44 -10.96
C ILE A 309 19.48 7.53 -11.47
N PHE A 310 20.02 6.37 -11.85
CA PHE A 310 21.38 6.23 -12.38
C PHE A 310 21.33 6.28 -13.89
N VAL A 311 22.05 7.23 -14.49
CA VAL A 311 21.99 7.44 -15.93
C VAL A 311 23.41 7.35 -16.51
N GLU A 312 23.58 6.62 -17.62
CA GLU A 312 24.90 6.47 -18.24
C GLU A 312 25.44 7.84 -18.65
N GLU A 313 26.72 8.08 -18.38
CA GLU A 313 27.39 9.38 -18.59
C GLU A 313 27.06 10.10 -19.89
N SER A 314 27.07 9.37 -21.01
CA SER A 314 26.95 10.01 -22.32
C SER A 314 25.57 10.64 -22.58
N ILE A 315 24.54 10.16 -21.88
CA ILE A 315 23.18 10.75 -21.94
C ILE A 315 22.73 11.44 -20.63
N TYR A 316 23.66 11.63 -19.69
CA TYR A 316 23.31 12.07 -18.32
C TYR A 316 22.82 13.52 -18.28
N ASP A 317 23.57 14.41 -18.92
CA ASP A 317 23.26 15.84 -18.95
C ASP A 317 21.94 16.13 -19.69
N GLU A 318 21.71 15.42 -20.79
CA GLU A 318 20.42 15.50 -21.49
C GLU A 318 19.25 15.00 -20.61
N PHE A 319 19.48 13.89 -19.90
CA PHE A 319 18.47 13.32 -18.99
C PHE A 319 18.12 14.31 -17.87
N VAL A 320 19.16 14.88 -17.25
CA VAL A 320 19.00 15.87 -16.19
C VAL A 320 18.26 17.11 -16.71
N ARG A 321 18.61 17.55 -17.92
CA ARG A 321 17.98 18.73 -18.53
C ARG A 321 16.47 18.50 -18.73
N ARG A 322 16.13 17.37 -19.36
CA ARG A 322 14.74 17.04 -19.67
C ARG A 322 13.90 16.80 -18.42
N SER A 323 14.49 16.15 -17.42
CA SER A 323 13.82 15.90 -16.15
C SER A 323 13.50 17.22 -15.42
N VAL A 324 14.45 18.15 -15.42
CA VAL A 324 14.26 19.43 -14.75
C VAL A 324 13.12 20.21 -15.40
N GLU A 325 13.10 20.25 -16.73
CA GLU A 325 12.01 20.93 -17.43
C GLU A 325 10.65 20.27 -17.17
N ARG A 326 10.65 18.95 -17.00
CA ARG A 326 9.42 18.23 -16.66
C ARG A 326 8.92 18.63 -15.26
N ALA A 327 9.84 18.75 -14.30
CA ALA A 327 9.48 19.09 -12.91
C ALA A 327 9.00 20.54 -12.72
N LYS A 328 9.38 21.42 -13.65
CA LYS A 328 8.97 22.82 -13.59
C LYS A 328 7.54 23.06 -14.10
N LYS A 329 6.87 22.01 -14.58
CA LYS A 329 5.52 22.15 -15.18
C LYS A 329 4.31 21.97 -14.23
N TYR A 330 4.55 21.77 -12.93
CA TYR A 330 3.46 21.54 -12.00
C TYR A 330 2.71 22.79 -11.57
N ILE A 331 1.44 22.58 -11.22
CA ILE A 331 0.57 23.60 -10.65
C ILE A 331 0.15 23.06 -9.29
N LEU A 332 0.52 23.78 -8.23
CA LEU A 332 0.18 23.38 -6.86
C LEU A 332 -1.13 24.02 -6.43
N GLY A 333 -1.79 23.38 -5.46
CA GLY A 333 -3.03 23.87 -4.90
C GLY A 333 -3.93 22.77 -4.36
N ASN A 334 -5.20 23.12 -4.19
CA ASN A 334 -6.20 22.18 -3.65
C ASN A 334 -6.39 21.01 -4.62
N PRO A 335 -6.21 19.76 -4.13
CA PRO A 335 -6.29 18.61 -5.04
C PRO A 335 -7.69 18.37 -5.69
N LEU A 336 -8.74 19.01 -5.19
CA LEU A 336 -10.08 18.95 -5.81
C LEU A 336 -10.30 19.85 -7.06
N THR A 337 -9.44 20.86 -7.25
CA THR A 337 -9.63 21.81 -8.35
C THR A 337 -9.08 21.25 -9.67
N PRO A 338 -9.92 21.17 -10.74
CA PRO A 338 -9.42 20.70 -12.04
C PRO A 338 -8.17 21.48 -12.49
N GLY A 339 -7.22 20.79 -13.12
CA GLY A 339 -5.97 21.44 -13.58
C GLY A 339 -4.84 21.48 -12.56
N VAL A 340 -5.15 21.36 -11.26
CA VAL A 340 -4.14 21.23 -10.21
C VAL A 340 -3.44 19.89 -10.39
N THR A 341 -2.11 19.92 -10.43
CA THR A 341 -1.28 18.75 -10.72
C THR A 341 -0.36 18.33 -9.58
N GLN A 342 -0.34 19.09 -8.47
CA GLN A 342 0.35 18.66 -7.26
C GLN A 342 -0.38 19.18 -6.01
N GLY A 343 -0.85 18.24 -5.18
CA GLY A 343 -1.46 18.53 -3.88
C GLY A 343 -0.43 18.65 -2.77
N PRO A 344 -0.90 18.72 -1.50
CA PRO A 344 0.00 18.84 -0.37
C PRO A 344 0.55 17.48 0.12
N GLN A 345 1.54 17.52 1.01
CA GLN A 345 1.95 16.35 1.78
C GLN A 345 0.92 16.08 2.85
N ILE A 346 0.89 14.85 3.37
CA ILE A 346 -0.20 14.44 4.29
C ILE A 346 -0.27 15.24 5.58
N ASP A 347 0.87 15.55 6.20
CA ASP A 347 0.88 16.21 7.52
C ASP A 347 2.22 16.89 7.88
N LYS A 348 2.24 17.52 9.06
CA LYS A 348 3.41 18.22 9.57
C LYS A 348 4.65 17.32 9.66
N GLU A 349 4.51 16.14 10.25
CA GLU A 349 5.67 15.25 10.44
C GLU A 349 6.36 14.94 9.12
N GLN A 350 5.58 14.57 8.11
CA GLN A 350 6.13 14.28 6.79
C GLN A 350 6.70 15.52 6.12
N TYR A 351 5.98 16.63 6.27
CA TYR A 351 6.42 17.92 5.76
C TYR A 351 7.79 18.26 6.32
N ASP A 352 7.93 18.16 7.64
CA ASP A 352 9.18 18.48 8.32
C ASP A 352 10.36 17.60 7.85
N LYS A 353 10.10 16.30 7.69
CA LYS A 353 11.10 15.34 7.23
C LYS A 353 11.64 15.63 5.84
N ILE A 354 10.73 15.96 4.92
CA ILE A 354 11.06 16.28 3.53
C ILE A 354 11.95 17.50 3.46
N LEU A 355 11.53 18.57 4.14
CA LEU A 355 12.29 19.81 4.21
C LEU A 355 13.65 19.63 4.88
N ASP A 356 13.70 18.85 5.95
CA ASP A 356 14.98 18.53 6.61
C ASP A 356 15.91 17.82 5.62
N LEU A 357 15.38 16.82 4.92
CA LEU A 357 16.16 16.07 3.92
C LEU A 357 16.60 16.91 2.71
N ILE A 358 15.72 17.79 2.24
CA ILE A 358 16.11 18.77 1.21
C ILE A 358 17.29 19.62 1.68
N GLU A 359 17.23 20.10 2.91
CA GLU A 359 18.34 20.88 3.47
C GLU A 359 19.63 20.07 3.59
N SER A 360 19.53 18.79 3.95
CA SER A 360 20.71 17.94 4.01
C SER A 360 21.39 17.80 2.63
N GLY A 361 20.57 17.69 1.59
CA GLY A 361 21.04 17.62 0.20
C GLY A 361 21.79 18.85 -0.27
N LYS A 362 21.32 20.03 0.13
CA LYS A 362 22.02 21.28 -0.16
C LYS A 362 23.37 21.34 0.58
N LYS A 363 23.29 21.11 1.90
CA LYS A 363 24.46 21.08 2.79
C LYS A 363 25.51 20.03 2.41
N GLU A 364 25.07 18.86 1.94
CA GLU A 364 26.00 17.80 1.53
C GLU A 364 26.55 17.96 0.10
N GLY A 365 26.17 19.03 -0.59
CA GLY A 365 26.80 19.41 -1.86
C GLY A 365 26.17 18.84 -3.11
N ALA A 366 24.93 18.36 -3.01
CA ALA A 366 24.16 17.99 -4.19
C ALA A 366 23.78 19.26 -4.97
N LYS A 367 23.61 19.13 -6.28
CA LYS A 367 23.26 20.27 -7.13
C LYS A 367 21.74 20.48 -7.22
N LEU A 368 21.25 21.57 -6.63
CA LEU A 368 19.84 21.93 -6.70
C LEU A 368 19.51 22.49 -8.08
N GLU A 369 18.69 21.75 -8.82
CA GLU A 369 18.27 22.17 -10.16
C GLU A 369 17.00 23.02 -10.13
N CYS A 370 16.07 22.65 -9.26
CA CYS A 370 14.83 23.40 -9.10
C CYS A 370 14.17 23.06 -7.77
N GLY A 371 13.27 23.92 -7.32
CA GLY A 371 12.56 23.72 -6.06
C GLY A 371 13.43 23.97 -4.84
N GLY A 372 13.28 23.12 -3.83
CA GLY A 372 14.10 23.19 -2.62
C GLY A 372 13.50 23.92 -1.44
N GLY A 373 12.21 24.23 -1.47
CA GLY A 373 11.56 24.91 -0.35
C GLY A 373 10.07 24.66 -0.28
N PRO A 374 9.40 25.25 0.73
CA PRO A 374 7.96 25.11 0.90
C PRO A 374 7.22 26.00 -0.09
N TRP A 375 5.90 25.89 -0.09
CA TRP A 375 5.02 26.71 -0.96
C TRP A 375 3.71 27.03 -0.24
N GLY A 376 3.25 28.27 -0.43
CA GLY A 376 1.90 28.69 0.00
C GLY A 376 1.84 29.21 1.42
N ASN A 377 0.66 29.71 1.78
CA ASN A 377 0.35 30.22 3.13
C ASN A 377 -0.35 29.18 3.99
N LYS A 378 -0.71 28.05 3.39
CA LYS A 378 -1.56 27.06 4.02
C LYS A 378 -1.45 25.76 3.26
N GLY A 379 -1.60 24.66 3.97
CA GLY A 379 -1.36 23.34 3.44
C GLY A 379 0.12 22.99 3.53
N TYR A 380 0.40 21.69 3.55
CA TYR A 380 1.75 21.17 3.73
C TYR A 380 2.41 20.96 2.36
N PHE A 381 2.46 22.01 1.55
CA PHE A 381 3.00 21.95 0.19
C PHE A 381 4.52 22.09 0.16
N VAL A 382 5.18 21.26 -0.65
CA VAL A 382 6.62 21.32 -0.91
C VAL A 382 6.81 21.46 -2.41
N GLN A 383 7.65 22.41 -2.82
CA GLN A 383 7.96 22.59 -4.25
C GLN A 383 8.54 21.30 -4.82
N PRO A 384 8.19 20.97 -6.09
CA PRO A 384 8.84 19.79 -6.67
C PRO A 384 10.33 20.08 -6.88
N THR A 385 11.18 19.19 -6.37
CA THR A 385 12.60 19.45 -6.20
C THR A 385 13.44 18.41 -6.93
N VAL A 386 14.43 18.87 -7.71
CA VAL A 386 15.35 17.97 -8.41
C VAL A 386 16.79 18.24 -7.96
N PHE A 387 17.50 17.16 -7.60
CA PHE A 387 18.93 17.22 -7.31
C PHE A 387 19.70 16.38 -8.33
N SER A 388 20.74 16.98 -8.91
CA SER A 388 21.70 16.26 -9.76
C SER A 388 23.05 16.17 -9.06
N ASN A 389 23.95 15.36 -9.62
CA ASN A 389 25.27 15.06 -9.02
C ASN A 389 25.17 14.53 -7.59
N VAL A 390 24.20 13.66 -7.36
CA VAL A 390 23.99 13.06 -6.05
C VAL A 390 24.96 11.89 -5.94
N THR A 391 25.58 11.72 -4.79
CA THR A 391 26.50 10.60 -4.54
C THR A 391 25.96 9.71 -3.45
N ASP A 392 26.51 8.49 -3.37
CA ASP A 392 25.86 7.39 -2.65
C ASP A 392 25.80 7.53 -1.12
N GLU A 393 26.68 8.34 -0.52
CA GLU A 393 26.67 8.54 0.93
C GLU A 393 25.87 9.76 1.42
N MET A 394 25.24 10.50 0.51
CA MET A 394 24.39 11.60 0.91
C MET A 394 23.10 11.04 1.54
N ARG A 395 22.54 11.77 2.50
CA ARG A 395 21.27 11.39 3.12
C ARG A 395 20.17 11.21 2.09
N ILE A 396 20.10 12.10 1.10
CA ILE A 396 19.09 11.99 0.02
C ILE A 396 19.25 10.77 -0.91
N ALA A 397 20.44 10.17 -0.94
CA ALA A 397 20.69 8.89 -1.63
C ALA A 397 20.35 7.65 -0.77
N LYS A 398 20.39 7.78 0.54
CA LYS A 398 20.24 6.63 1.45
C LYS A 398 18.83 6.49 2.06
N GLU A 399 18.21 7.62 2.42
CA GLU A 399 16.97 7.63 3.22
C GLU A 399 15.73 7.86 2.38
N GLU A 400 14.64 7.15 2.70
CA GLU A 400 13.36 7.39 2.05
C GLU A 400 12.88 8.79 2.41
N ILE A 401 12.67 9.63 1.39
CA ILE A 401 12.20 11.01 1.60
C ILE A 401 10.67 11.09 1.77
N PHE A 402 9.95 10.32 0.94
CA PHE A 402 8.46 10.38 0.87
C PHE A 402 7.93 11.76 0.49
N GLY A 403 8.70 12.45 -0.35
CA GLY A 403 8.37 13.81 -0.81
C GLY A 403 8.67 13.95 -2.29
N PRO A 404 8.28 15.09 -2.89
CA PRO A 404 8.58 15.34 -4.29
C PRO A 404 10.05 15.77 -4.45
N VAL A 405 10.96 14.84 -4.26
CA VAL A 405 12.40 15.12 -4.28
C VAL A 405 13.11 14.03 -5.12
N GLN A 406 13.64 14.43 -6.28
CA GLN A 406 14.20 13.50 -7.26
C GLN A 406 15.74 13.59 -7.23
N GLN A 407 16.38 12.42 -7.16
CA GLN A 407 17.85 12.29 -7.13
C GLN A 407 18.34 11.72 -8.45
N ILE A 408 19.27 12.40 -9.12
CA ILE A 408 19.80 11.91 -10.39
C ILE A 408 21.32 11.83 -10.29
N MET A 409 21.85 10.72 -10.78
CA MET A 409 23.23 10.27 -10.60
C MET A 409 23.78 9.77 -11.91
N LYS A 410 25.08 9.90 -12.11
CA LYS A 410 25.71 9.36 -13.31
C LYS A 410 26.43 8.07 -12.97
N PHE A 411 26.56 7.20 -13.98
CA PHE A 411 27.44 6.05 -13.89
C PHE A 411 28.15 5.88 -15.22
N LYS A 412 29.30 5.19 -15.20
CA LYS A 412 29.95 4.74 -16.43
C LYS A 412 30.09 3.22 -16.54
N SER A 413 30.22 2.51 -15.42
CA SER A 413 30.35 1.05 -15.44
C SER A 413 29.07 0.35 -15.00
N LEU A 414 28.56 -0.53 -15.87
CA LEU A 414 27.35 -1.29 -15.58
C LEU A 414 27.48 -2.27 -14.38
N ASP A 415 28.62 -2.95 -14.25
CA ASP A 415 28.90 -3.79 -13.07
C ASP A 415 28.77 -2.94 -11.81
N ASP A 416 29.44 -1.79 -11.82
CA ASP A 416 29.47 -0.88 -10.67
C ASP A 416 28.09 -0.32 -10.28
N VAL A 417 27.30 0.12 -11.26
CA VAL A 417 25.97 0.70 -10.99
C VAL A 417 24.93 -0.33 -10.48
N ILE A 418 25.00 -1.57 -10.96
CA ILE A 418 24.23 -2.67 -10.37
C ILE A 418 24.59 -2.82 -8.88
N LYS A 419 25.88 -2.84 -8.56
CA LYS A 419 26.36 -2.85 -7.16
C LYS A 419 25.80 -1.68 -6.33
N ARG A 420 25.84 -0.49 -6.91
CA ARG A 420 25.33 0.72 -6.24
C ARG A 420 23.81 0.65 -6.07
N ALA A 421 23.11 0.21 -7.10
CA ALA A 421 21.66 0.03 -7.01
C ALA A 421 21.29 -0.98 -5.91
N ASN A 422 22.07 -2.05 -5.81
CA ASN A 422 21.84 -3.09 -4.78
C ASN A 422 22.40 -2.73 -3.40
N ASN A 423 23.22 -1.68 -3.32
CA ASN A 423 23.87 -1.30 -2.06
C ASN A 423 22.89 -0.50 -1.19
N THR A 424 21.89 -1.20 -0.68
CA THR A 424 20.88 -0.61 0.22
C THR A 424 20.21 -1.73 0.99
N PHE A 425 19.80 -1.42 2.21
CA PHE A 425 18.99 -2.36 2.99
C PHE A 425 17.58 -2.51 2.45
N TYR A 426 17.11 -1.53 1.67
CA TYR A 426 15.84 -1.62 0.96
C TYR A 426 15.91 -2.55 -0.25
N GLY A 427 14.74 -2.77 -0.85
CA GLY A 427 14.62 -3.58 -2.04
C GLY A 427 13.20 -3.79 -2.54
N LEU A 428 12.40 -2.74 -2.60
CA LEU A 428 10.99 -2.90 -2.98
C LEU A 428 10.82 -3.02 -4.47
N SER A 429 11.52 -2.18 -5.22
CA SER A 429 11.38 -2.17 -6.65
C SER A 429 12.57 -1.52 -7.33
N ALA A 430 12.61 -1.66 -8.65
CA ALA A 430 13.61 -1.01 -9.48
C ALA A 430 13.09 -0.87 -10.93
N GLY A 431 13.82 -0.11 -11.73
CA GLY A 431 13.48 0.10 -13.14
C GLY A 431 14.71 -0.02 -14.00
N VAL A 432 14.56 -0.58 -15.19
CA VAL A 432 15.66 -0.76 -16.15
C VAL A 432 15.19 -0.20 -17.48
N PHE A 433 15.98 0.70 -18.07
CA PHE A 433 15.64 1.34 -19.33
C PHE A 433 16.74 1.06 -20.36
N THR A 434 16.40 0.28 -21.37
CA THR A 434 17.31 -0.19 -22.41
C THR A 434 16.50 -0.78 -23.56
N LYS A 435 17.08 -0.84 -24.76
CA LYS A 435 16.49 -1.55 -25.88
C LYS A 435 17.06 -2.96 -26.05
N ASP A 436 18.13 -3.29 -25.32
CA ASP A 436 18.83 -4.55 -25.53
C ASP A 436 18.21 -5.68 -24.72
N ILE A 437 17.87 -6.78 -25.41
CA ILE A 437 17.18 -7.92 -24.83
C ILE A 437 18.01 -8.53 -23.72
N ASP A 438 19.28 -8.82 -24.02
CA ASP A 438 20.15 -9.43 -23.04
C ASP A 438 20.33 -8.57 -21.80
N LYS A 439 20.51 -7.27 -21.99
CA LYS A 439 20.70 -6.36 -20.85
C LYS A 439 19.43 -6.28 -19.99
N ALA A 440 18.27 -6.23 -20.63
CA ALA A 440 17.00 -6.22 -19.90
C ALA A 440 16.89 -7.43 -18.99
N ILE A 441 17.22 -8.61 -19.52
CA ILE A 441 17.05 -9.84 -18.79
C ILE A 441 18.09 -9.96 -17.68
N THR A 442 19.37 -9.77 -18.03
CA THR A 442 20.46 -9.95 -17.08
C THR A 442 20.41 -8.92 -15.97
N ILE A 443 20.12 -7.65 -16.30
CA ILE A 443 20.06 -6.63 -15.26
C ILE A 443 18.88 -6.89 -14.32
N SER A 444 17.71 -7.16 -14.89
CA SER A 444 16.53 -7.39 -14.05
C SER A 444 16.72 -8.59 -13.10
N SER A 445 17.39 -9.64 -13.58
CA SER A 445 17.73 -10.80 -12.72
C SER A 445 18.69 -10.43 -11.57
N ALA A 446 19.64 -9.53 -11.85
CA ALA A 446 20.68 -9.17 -10.86
C ALA A 446 20.23 -8.19 -9.78
N LEU A 447 19.17 -7.42 -10.05
CA LEU A 447 18.66 -6.46 -9.07
C LEU A 447 17.89 -7.15 -7.93
N GLN A 448 18.23 -6.80 -6.69
CA GLN A 448 17.63 -7.38 -5.53
C GLN A 448 16.41 -6.52 -5.19
N ALA A 449 15.35 -6.70 -5.98
CA ALA A 449 14.15 -5.91 -5.87
C ALA A 449 12.93 -6.75 -6.22
N GLY A 450 11.83 -6.50 -5.55
CA GLY A 450 10.63 -7.34 -5.66
C GLY A 450 9.88 -7.18 -6.96
N THR A 451 9.82 -5.97 -7.47
CA THR A 451 9.30 -5.72 -8.80
C THR A 451 10.37 -4.95 -9.59
N VAL A 452 10.71 -5.45 -10.76
CA VAL A 452 11.61 -4.75 -11.67
C VAL A 452 10.81 -4.42 -12.93
N TRP A 453 10.65 -3.12 -13.21
CA TRP A 453 10.02 -2.67 -14.45
C TRP A 453 11.07 -2.48 -15.55
N VAL A 454 10.73 -2.83 -16.79
CA VAL A 454 11.63 -2.68 -17.92
C VAL A 454 10.98 -1.74 -18.92
N ASN A 455 11.63 -0.60 -19.14
CA ASN A 455 11.14 0.48 -20.02
C ASN A 455 9.78 1.05 -19.58
N CYS A 456 9.50 0.91 -18.29
CA CYS A 456 8.34 1.53 -17.65
C CYS A 456 8.63 1.65 -16.16
N TYR A 457 7.66 2.13 -15.40
CA TYR A 457 7.78 2.26 -13.97
C TYR A 457 6.41 2.44 -13.35
N GLY A 458 6.24 1.95 -12.14
CA GLY A 458 5.00 2.14 -11.38
C GLY A 458 3.78 1.46 -11.96
N VAL A 459 4.01 0.38 -12.71
CA VAL A 459 2.92 -0.41 -13.30
C VAL A 459 2.53 -1.47 -12.29
N VAL A 460 1.40 -1.24 -11.64
CA VAL A 460 0.93 -2.11 -10.57
C VAL A 460 -0.43 -2.61 -10.98
N SER A 461 -0.61 -3.93 -10.92
CA SER A 461 -1.90 -4.54 -11.24
C SER A 461 -2.20 -5.71 -10.29
N ALA A 462 -3.49 -5.99 -10.15
CA ALA A 462 -3.97 -7.01 -9.22
C ALA A 462 -3.48 -8.44 -9.51
N GLN A 463 -3.11 -8.70 -10.77
CA GLN A 463 -2.69 -10.03 -11.19
C GLN A 463 -1.25 -10.36 -10.79
N CYS A 464 -0.46 -9.36 -10.37
CA CYS A 464 0.95 -9.51 -10.03
C CYS A 464 1.18 -9.54 -8.53
N PRO A 465 2.05 -10.46 -8.04
CA PRO A 465 2.49 -10.30 -6.66
C PRO A 465 3.36 -9.06 -6.51
N PHE A 466 3.27 -8.45 -5.34
CA PHE A 466 3.97 -7.23 -5.01
C PHE A 466 4.51 -7.31 -3.58
N GLY A 467 5.81 -7.01 -3.42
CA GLY A 467 6.46 -7.05 -2.11
C GLY A 467 7.96 -6.85 -2.18
N GLY A 468 8.55 -6.65 -1.01
CA GLY A 468 9.96 -6.32 -0.89
C GLY A 468 10.94 -7.46 -0.72
N PHE A 469 12.16 -7.20 -1.21
CA PHE A 469 13.36 -7.92 -0.86
C PHE A 469 13.88 -7.20 0.39
N LYS A 470 14.67 -7.90 1.20
CA LYS A 470 15.42 -7.28 2.30
C LYS A 470 14.53 -6.50 3.29
N MET A 471 14.97 -5.32 3.75
CA MET A 471 14.22 -4.56 4.75
C MET A 471 13.07 -3.74 4.16
N SER A 472 12.73 -3.93 2.88
CA SER A 472 11.49 -3.41 2.33
C SER A 472 10.27 -4.29 2.69
N GLY A 473 10.49 -5.41 3.37
CA GLY A 473 9.43 -6.24 3.87
C GLY A 473 9.56 -7.71 3.55
N ASN A 474 8.52 -8.45 3.92
CA ASN A 474 8.49 -9.87 3.74
C ASN A 474 7.09 -10.24 3.26
N GLY A 475 7.02 -11.31 2.46
CA GLY A 475 5.78 -11.77 1.89
C GLY A 475 5.39 -10.98 0.65
N ARG A 476 4.38 -11.49 -0.05
CA ARG A 476 3.84 -10.86 -1.26
C ARG A 476 2.35 -10.61 -1.12
N GLU A 477 1.89 -9.54 -1.77
CA GLU A 477 0.47 -9.19 -1.80
C GLU A 477 -0.04 -9.27 -3.23
N LEU A 478 -1.29 -9.73 -3.38
CA LEU A 478 -1.95 -9.85 -4.67
C LEU A 478 -1.34 -10.91 -5.57
N GLY A 479 -1.92 -11.11 -6.76
CA GLY A 479 -1.48 -12.18 -7.64
C GLY A 479 -1.88 -13.50 -7.03
N GLU A 480 -1.67 -14.57 -7.78
CA GLU A 480 -1.83 -15.91 -7.23
C GLU A 480 -0.99 -16.09 -5.98
N TYR A 481 0.27 -15.63 -6.03
CA TYR A 481 1.22 -15.89 -4.96
C TYR A 481 0.83 -15.27 -3.62
N GLY A 482 0.23 -14.08 -3.68
CA GLY A 482 -0.18 -13.36 -2.48
C GLY A 482 -1.24 -14.07 -1.67
N PHE A 483 -2.09 -14.81 -2.35
CA PHE A 483 -3.16 -15.54 -1.69
C PHE A 483 -2.67 -16.64 -0.76
N HIS A 484 -1.46 -17.17 -1.00
CA HIS A 484 -0.85 -18.17 -0.12
C HIS A 484 -0.73 -17.68 1.32
N GLU A 485 -0.36 -16.42 1.50
CA GLU A 485 -0.12 -15.88 2.84
C GLU A 485 -1.38 -15.56 3.65
N TYR A 486 -2.56 -15.74 3.05
CA TYR A 486 -3.83 -15.68 3.78
C TYR A 486 -4.47 -17.05 3.93
N THR A 487 -3.66 -18.10 3.76
CA THR A 487 -4.08 -19.46 4.10
C THR A 487 -3.13 -20.15 5.11
N GLU A 488 -3.68 -21.18 5.74
CA GLU A 488 -2.91 -22.03 6.64
C GLU A 488 -3.11 -23.46 6.15
N VAL A 489 -2.00 -24.15 5.85
CA VAL A 489 -2.08 -25.47 5.24
C VAL A 489 -2.21 -26.54 6.34
N LYS A 490 -3.20 -27.40 6.18
CA LYS A 490 -3.39 -28.56 7.04
C LYS A 490 -3.25 -29.81 6.19
N THR A 491 -2.36 -30.69 6.62
CA THR A 491 -2.19 -31.99 5.98
C THR A 491 -3.05 -32.98 6.72
N VAL A 492 -3.91 -33.69 5.99
CA VAL A 492 -4.72 -34.76 6.57
C VAL A 492 -4.25 -36.05 5.94
N THR A 493 -3.80 -36.99 6.77
CA THR A 493 -3.26 -38.28 6.31
C THR A 493 -4.06 -39.43 6.96
N VAL A 494 -4.70 -40.24 6.11
CA VAL A 494 -5.66 -41.26 6.53
C VAL A 494 -5.09 -42.63 6.22
N LYS A 495 -5.03 -43.48 7.23
CA LYS A 495 -4.61 -44.89 7.04
C LYS A 495 -5.64 -45.58 6.18
N ILE A 496 -5.17 -46.27 5.16
CA ILE A 496 -6.01 -47.12 4.34
C ILE A 496 -5.39 -48.48 4.23
N SER A 497 -6.20 -49.47 3.85
CA SER A 497 -5.75 -50.87 3.75
C SER A 497 -4.74 -51.08 2.62
N GLN A 498 -5.02 -50.49 1.47
CA GLN A 498 -4.12 -50.53 0.35
C GLN A 498 -4.37 -49.31 -0.52
N LYS A 499 -3.31 -48.60 -0.87
CA LYS A 499 -3.38 -47.48 -1.82
C LYS A 499 -3.09 -47.94 -3.24
N ASN A 500 -3.69 -47.25 -4.20
CA ASN A 500 -3.33 -47.38 -5.60
C ASN A 500 -3.08 -46.01 -6.22
N SER A 501 -2.23 -46.02 -7.23
CA SER A 501 -1.85 -44.80 -7.96
C SER A 501 -3.05 -44.19 -8.67
YB YB B . 2.23 27.13 7.81
YB YB C . 5.28 7.12 12.85
CL CL D . -0.27 -28.24 -0.05
CL CL E . 4.25 9.42 15.39
PA NAD F . 3.83 4.68 10.29
O1A NAD F . 4.47 3.38 9.93
O2A NAD F . 4.14 5.30 11.63
O5B NAD F . 2.23 4.57 10.19
C5B NAD F . 1.54 3.64 9.32
C4B NAD F . 0.51 2.86 10.13
O4B NAD F . 1.18 2.30 11.27
C3B NAD F . -0.60 3.75 10.66
O3B NAD F . -1.87 3.08 10.70
C2B NAD F . -0.16 4.03 12.07
O2B NAD F . -1.23 4.38 12.94
C1B NAD F . 0.50 2.72 12.45
N9A NAD F . 1.37 2.79 13.65
C8A NAD F . 2.12 3.83 14.10
N7A NAD F . 2.76 3.52 15.25
C5A NAD F . 2.43 2.24 15.56
C6A NAD F . 2.77 1.29 16.64
N6A NAD F . 3.61 1.64 17.64
N1A NAD F . 2.21 0.05 16.58
C2A NAD F . 1.38 -0.32 15.59
N3A NAD F . 1.03 0.50 14.57
C4A NAD F . 1.52 1.78 14.50
O3 NAD F . 4.20 5.75 9.13
PN NAD F . 4.36 7.34 9.39
O1N NAD F . 4.97 7.70 10.73
O2N NAD F . 3.04 7.95 8.96
O5D NAD F . 5.46 7.75 8.29
C5D NAD F . 6.87 7.68 8.53
C4D NAD F . 7.62 7.17 7.30
O4D NAD F . 7.26 5.82 6.98
C3D NAD F . 7.35 7.97 6.03
O3D NAD F . 8.17 9.13 5.97
C2D NAD F . 7.67 6.94 4.96
O2D NAD F . 9.07 6.96 4.66
C1D NAD F . 7.29 5.59 5.57
N1N NAD F . 5.98 5.15 5.02
C2N NAD F . 5.95 4.19 4.07
C3N NAD F . 4.73 3.77 3.53
C7N NAD F . 4.70 2.70 2.47
O7N NAD F . 4.00 2.84 1.48
N7N NAD F . 5.45 1.62 2.64
C4N NAD F . 3.53 4.34 3.97
C5N NAD F . 3.58 5.32 4.94
C6N NAD F . 4.82 5.71 5.45
C5 VMA G . 0.73 3.61 -8.33
C6 VMA G . 1.81 3.86 -7.41
C21 VMA G . -3.67 -0.65 -9.60
C24 VMA G . -4.35 -2.21 -7.65
O11 VMA G . 2.72 3.25 -5.29
C1 VMA G . 1.81 3.08 -6.14
C7 VMA G . 2.63 4.84 -8.04
N8 VMA G . 2.08 5.16 -9.25
N9 VMA G . 0.88 4.38 -9.41
C10 VMA G . 0.13 4.59 -10.67
N4 VMA G . -0.26 2.72 -8.05
C3 VMA G . -0.26 2.00 -6.88
N2 VMA G . 0.74 2.17 -5.93
C12 VMA G . 0.72 1.40 -4.74
C17 VMA G . -0.01 1.80 -3.62
C16 VMA G . 0.00 1.01 -2.46
C15 VMA G . 0.74 -0.17 -2.43
C14 VMA G . 1.47 -0.56 -3.55
C13 VMA G . 1.46 0.22 -4.70
S18 VMA G . -1.59 0.86 -6.61
C19 VMA G . -2.71 0.99 -7.99
C26 VMA G . -3.75 2.09 -7.72
C20 VMA G . -3.39 -0.31 -8.32
N25 VMA G . -3.76 -1.18 -7.37
C23 VMA G . -4.57 -2.57 -8.84
C22 VMA G . -4.28 -1.82 -9.82
#